data_7MSB
#
_entry.id   7MSB
#
_cell.length_a   57.867
_cell.length_b   85.024
_cell.length_c   91.988
_cell.angle_alpha   90.000
_cell.angle_beta   90.000
_cell.angle_gamma   90.000
#
_symmetry.space_group_name_H-M   'P 21 21 21'
#
loop_
_entity.id
_entity.type
_entity.pdbx_description
1 polymer 'Polycomb protein EED'
2 non-polymer (9aM,12aS)-12-{[(5-fluoro-1-benzofuran-4-yl)methyl]amino}-7-(trifluoromethyl)-4,5-dihydro-3H-2,4,11,12a-tetraazabenzo[4,5]cycloocta[1,2,3-cd]inden-3-one
3 water water
#
_entity_poly.entity_id   1
_entity_poly.type   'polypeptide(L)'
_entity_poly.pdbx_seq_one_letter_code
;SNAKCKYSFKCVNSLKEDHNQPLFGVQFNWHSKEGDPLVFATVGSNRVTLYECHSQGEIRLLQSYVDADADENFYTCAWT
YDSNTSHPLLAVAGSRGIIRIINPITMQCIKHYVGHGNAINELKFHPRDPNLLLSVSKDHALRLWNIQTDTLVAIFGGVE
GHRDEVLSADYDLLGEKIMSCGMDHSLKLWRINSKRMMNAIKESYDYNPNKTNRPFISQKIHFPDFSTRDIHRNYVDCVR
WLGDLILSKSCENAIVCWKPGKMEDDIDKIKPSESNVTILGRFDYSQCDIWYMRFSTDFWQKMLALGNQVGKLYVWDLEV
EDPHKAKCTTLTHHKCGAAIRQTSFSRDSSILIAVCDDASIWRWDRLR
;
_entity_poly.pdbx_strand_id   A
#
# COMPACT_ATOMS: atom_id res chain seq x y z
N SER A 8 -9.56 21.73 10.79
CA SER A 8 -8.14 21.78 10.42
C SER A 8 -7.26 20.95 11.36
N PHE A 9 -6.14 20.41 10.85
CA PHE A 9 -5.22 19.58 11.61
C PHE A 9 -4.26 20.36 12.49
N LYS A 10 -4.07 19.86 13.73
CA LYS A 10 -3.17 20.40 14.74
C LYS A 10 -2.27 19.27 15.23
N CYS A 11 -0.95 19.52 15.38
CA CYS A 11 -0.06 18.48 15.86
C CYS A 11 -0.21 18.35 17.37
N VAL A 12 -0.67 17.19 17.84
CA VAL A 12 -0.97 17.01 19.26
C VAL A 12 0.09 16.19 19.99
N ASN A 13 0.92 15.42 19.26
CA ASN A 13 1.95 14.61 19.91
C ASN A 13 2.96 14.08 18.92
N SER A 14 4.07 13.56 19.45
CA SER A 14 5.13 12.91 18.67
C SER A 14 5.90 11.99 19.59
N LEU A 15 6.59 11.01 19.03
CA LEU A 15 7.45 10.11 19.78
C LEU A 15 8.50 9.54 18.83
N LYS A 16 9.46 8.78 19.37
CA LYS A 16 10.54 8.20 18.59
C LYS A 16 10.71 6.75 19.00
N GLU A 17 10.90 5.82 18.04
CA GLU A 17 11.13 4.40 18.39
C GLU A 17 12.61 4.24 18.74
N ASP A 18 12.91 3.28 19.64
CA ASP A 18 14.25 3.06 20.20
C ASP A 18 15.33 2.57 19.20
N HIS A 19 14.95 1.99 18.05
CA HIS A 19 15.93 1.48 17.07
C HIS A 19 16.63 2.63 16.28
N ASN A 20 16.05 3.85 16.27
CA ASN A 20 16.58 5.04 15.58
C ASN A 20 16.77 4.85 14.07
N GLN A 21 16.10 3.86 13.47
CA GLN A 21 16.19 3.59 12.03
C GLN A 21 14.97 4.17 11.32
N PRO A 22 14.99 4.37 9.98
CA PRO A 22 13.78 4.89 9.32
C PRO A 22 12.53 4.00 9.51
N LEU A 23 11.41 4.67 9.67
CA LEU A 23 10.08 4.04 9.67
C LEU A 23 9.61 4.14 8.23
N PHE A 24 9.43 3.00 7.56
CA PHE A 24 9.06 2.98 6.13
C PHE A 24 7.57 2.80 5.88
N GLY A 25 6.83 2.38 6.89
CA GLY A 25 5.40 2.19 6.75
C GLY A 25 4.59 2.49 7.98
N VAL A 26 3.33 2.90 7.76
CA VAL A 26 2.38 3.15 8.85
C VAL A 26 0.98 2.88 8.31
N GLN A 27 0.15 2.14 9.09
CA GLN A 27 -1.24 1.88 8.70
C GLN A 27 -2.13 1.86 9.91
N PHE A 28 -3.20 2.65 9.88
CA PHE A 28 -4.29 2.55 10.85
C PHE A 28 -5.04 1.28 10.54
N ASN A 29 -5.59 0.63 11.57
CA ASN A 29 -6.43 -0.54 11.34
C ASN A 29 -7.84 -0.03 11.05
N TRP A 30 -8.27 -0.04 9.78
CA TRP A 30 -9.61 0.44 9.44
C TRP A 30 -10.70 -0.62 9.78
N HIS A 31 -10.28 -1.77 10.32
CA HIS A 31 -11.21 -2.85 10.75
C HIS A 31 -11.36 -2.87 12.27
N SER A 32 -10.90 -1.82 12.99
CA SER A 32 -11.02 -1.76 14.47
C SER A 32 -12.52 -1.71 14.85
N LYS A 33 -12.89 -2.43 15.91
CA LYS A 33 -14.31 -2.55 16.33
C LYS A 33 -14.88 -1.27 16.94
N GLU A 34 -16.21 -1.10 16.82
CA GLU A 34 -16.92 0.05 17.38
C GLU A 34 -16.70 0.11 18.89
N GLY A 35 -16.40 1.30 19.40
CA GLY A 35 -16.16 1.49 20.83
C GLY A 35 -14.70 1.31 21.25
N ASP A 36 -13.88 0.64 20.41
CA ASP A 36 -12.46 0.42 20.70
C ASP A 36 -11.62 1.62 20.26
N PRO A 37 -10.48 1.95 20.94
CA PRO A 37 -9.67 3.09 20.48
C PRO A 37 -9.06 2.81 19.12
N LEU A 38 -8.65 3.86 18.43
CA LEU A 38 -8.06 3.73 17.11
C LEU A 38 -6.65 3.20 17.28
N VAL A 39 -6.24 2.25 16.41
CA VAL A 39 -4.96 1.57 16.50
C VAL A 39 -4.21 1.70 15.17
N PHE A 40 -2.88 1.92 15.24
CA PHE A 40 -2.08 1.92 14.02
C PHE A 40 -0.81 1.11 14.22
N ALA A 41 -0.28 0.59 13.11
CA ALA A 41 0.97 -0.14 13.12
C ALA A 41 2.04 0.65 12.42
N THR A 42 3.30 0.51 12.86
CA THR A 42 4.46 1.12 12.19
C THR A 42 5.41 0.02 11.83
N VAL A 43 6.19 0.18 10.75
CA VAL A 43 7.23 -0.81 10.41
C VAL A 43 8.52 -0.04 10.15
N GLY A 44 9.60 -0.55 10.72
CA GLY A 44 10.95 0.00 10.57
C GLY A 44 11.93 -0.97 11.17
N SER A 45 13.23 -0.84 10.82
CA SER A 45 14.26 -1.77 11.31
C SER A 45 13.73 -3.20 11.02
N ASN A 46 13.83 -4.16 11.97
CA ASN A 46 13.31 -5.53 11.81
C ASN A 46 12.06 -5.74 12.69
N ARG A 47 11.25 -4.68 12.85
CA ARG A 47 10.09 -4.81 13.69
C ARG A 47 8.83 -4.14 13.17
N VAL A 48 7.72 -4.53 13.81
CA VAL A 48 6.41 -3.92 13.63
CA VAL A 48 6.36 -4.03 13.65
C VAL A 48 5.90 -3.60 15.04
N THR A 49 5.34 -2.39 15.21
CA THR A 49 4.86 -1.95 16.53
C THR A 49 3.43 -1.44 16.42
N LEU A 50 2.61 -1.73 17.43
CA LEU A 50 1.22 -1.21 17.48
C LEU A 50 1.09 -0.16 18.54
N TYR A 51 0.29 0.86 18.22
CA TYR A 51 -0.03 1.95 19.14
C TYR A 51 -1.53 2.17 19.17
N GLU A 52 -2.03 2.73 20.28
CA GLU A 52 -3.43 3.09 20.45
C GLU A 52 -3.54 4.59 20.65
N CYS A 53 -4.45 5.27 19.89
CA CYS A 53 -4.67 6.71 20.03
C CYS A 53 -5.68 6.98 21.13
N HIS A 54 -5.31 7.88 22.05
CA HIS A 54 -6.19 8.27 23.16
C HIS A 54 -6.38 9.77 23.17
N SER A 55 -7.25 10.25 24.10
CA SER A 55 -7.53 11.68 24.27
C SER A 55 -6.30 12.45 24.75
N GLN A 56 -6.31 13.80 24.58
CA GLN A 56 -5.21 14.71 24.93
C GLN A 56 -3.96 14.34 24.12
N GLY A 57 -4.16 13.82 22.91
CA GLY A 57 -3.09 13.41 22.00
C GLY A 57 -2.26 12.23 22.44
N GLU A 58 -2.69 11.46 23.47
CA GLU A 58 -1.88 10.33 23.94
C GLU A 58 -1.77 9.21 22.89
N ILE A 59 -0.53 8.72 22.69
CA ILE A 59 -0.23 7.58 21.82
C ILE A 59 0.29 6.49 22.77
N ARG A 60 -0.53 5.47 23.03
CA ARG A 60 -0.16 4.41 23.96
C ARG A 60 0.57 3.26 23.25
N LEU A 61 1.79 2.96 23.69
CA LEU A 61 2.60 1.87 23.15
C LEU A 61 2.04 0.52 23.61
N LEU A 62 1.82 -0.40 22.67
CA LEU A 62 1.29 -1.71 23.04
C LEU A 62 2.39 -2.76 23.00
N GLN A 63 2.67 -3.35 21.82
CA GLN A 63 3.64 -4.45 21.72
C GLN A 63 4.18 -4.55 20.32
N SER A 64 5.40 -5.01 20.20
CA SER A 64 6.06 -5.23 18.91
C SER A 64 6.21 -6.69 18.55
N TYR A 65 6.40 -6.96 17.25
CA TYR A 65 6.90 -8.21 16.71
C TYR A 65 8.30 -7.88 16.24
N VAL A 66 9.32 -8.58 16.73
CA VAL A 66 10.72 -8.35 16.30
C VAL A 66 11.17 -9.59 15.54
N ASP A 67 11.63 -9.44 14.30
CA ASP A 67 12.04 -10.59 13.49
C ASP A 67 13.26 -11.29 14.12
N ALA A 68 13.32 -12.62 13.96
CA ALA A 68 14.44 -13.44 14.46
C ALA A 68 15.75 -13.03 13.79
N ASP A 69 15.67 -12.55 12.55
CA ASP A 69 16.82 -12.08 11.80
C ASP A 69 17.08 -10.58 12.06
N ALA A 70 18.26 -10.27 12.65
CA ALA A 70 18.66 -8.88 12.92
C ALA A 70 18.80 -8.08 11.61
N ASP A 71 19.03 -8.79 10.48
CA ASP A 71 19.21 -8.20 9.13
C ASP A 71 17.88 -7.98 8.39
N GLU A 72 16.74 -8.50 8.89
CA GLU A 72 15.45 -8.24 8.24
C GLU A 72 15.17 -6.73 8.26
N ASN A 73 14.54 -6.22 7.21
CA ASN A 73 14.13 -4.82 7.11
C ASN A 73 12.68 -4.81 6.64
N PHE A 74 11.70 -4.54 7.53
CA PHE A 74 10.32 -4.55 7.04
C PHE A 74 10.04 -3.28 6.28
N TYR A 75 9.42 -3.40 5.11
CA TYR A 75 9.13 -2.24 4.26
C TYR A 75 7.66 -1.88 4.16
N THR A 76 6.77 -2.82 4.52
CA THR A 76 5.36 -2.60 4.29
C THR A 76 4.53 -3.39 5.28
N CYS A 77 3.31 -2.95 5.52
CA CYS A 77 2.36 -3.68 6.35
C CYS A 77 0.94 -3.39 5.84
N ALA A 78 0.00 -4.29 6.12
CA ALA A 78 -1.41 -4.15 5.69
C ALA A 78 -2.31 -4.90 6.65
N TRP A 79 -3.48 -4.33 6.94
CA TRP A 79 -4.42 -4.98 7.86
C TRP A 79 -5.48 -5.74 7.11
N THR A 80 -5.94 -6.83 7.72
CA THR A 80 -7.12 -7.56 7.25
C THR A 80 -7.85 -8.06 8.49
N TYR A 81 -8.79 -8.99 8.31
CA TYR A 81 -9.42 -9.65 9.46
C TYR A 81 -9.58 -11.13 9.12
N ASP A 82 -9.68 -11.97 10.15
CA ASP A 82 -9.91 -13.41 10.00
C ASP A 82 -11.34 -13.56 9.47
N SER A 83 -11.53 -14.23 8.32
CA SER A 83 -12.84 -14.31 7.67
C SER A 83 -13.87 -15.15 8.43
N ASN A 84 -13.42 -15.97 9.41
CA ASN A 84 -14.36 -16.74 10.23
C ASN A 84 -14.62 -16.11 11.60
N THR A 85 -13.61 -15.50 12.26
CA THR A 85 -13.82 -14.94 13.61
C THR A 85 -14.01 -13.41 13.67
N SER A 86 -13.64 -12.67 12.58
CA SER A 86 -13.68 -11.20 12.47
C SER A 86 -12.53 -10.52 13.18
N HIS A 87 -11.65 -11.28 13.83
CA HIS A 87 -10.54 -10.64 14.54
C HIS A 87 -9.50 -10.08 13.57
N PRO A 88 -9.01 -8.84 13.83
CA PRO A 88 -7.99 -8.25 12.94
C PRO A 88 -6.71 -9.06 12.84
N LEU A 89 -6.05 -8.98 11.68
CA LEU A 89 -4.79 -9.64 11.36
C LEU A 89 -3.91 -8.62 10.70
N LEU A 90 -2.61 -8.76 10.85
CA LEU A 90 -1.71 -7.79 10.24
C LEU A 90 -0.67 -8.53 9.41
N ALA A 91 -0.45 -8.12 8.16
CA ALA A 91 0.55 -8.75 7.29
C ALA A 91 1.73 -7.79 7.17
N VAL A 92 2.97 -8.33 7.25
CA VAL A 92 4.20 -7.51 7.14
CA VAL A 92 4.17 -7.51 7.13
C VAL A 92 5.18 -8.23 6.22
N ALA A 93 6.06 -7.48 5.53
CA ALA A 93 7.08 -8.05 4.65
C ALA A 93 8.16 -7.02 4.40
N GLY A 94 9.30 -7.46 3.90
CA GLY A 94 10.39 -6.56 3.59
C GLY A 94 11.52 -7.25 2.86
N SER A 95 12.75 -6.89 3.23
CA SER A 95 13.97 -7.36 2.56
C SER A 95 14.13 -8.88 2.50
N ARG A 96 13.71 -9.65 3.51
CA ARG A 96 13.89 -11.12 3.41
C ARG A 96 12.96 -11.78 2.39
N GLY A 97 11.92 -11.05 1.93
CA GLY A 97 10.98 -11.58 0.96
C GLY A 97 10.04 -12.60 1.57
N ILE A 98 9.76 -12.46 2.86
CA ILE A 98 8.84 -13.35 3.59
C ILE A 98 7.63 -12.57 4.08
N ILE A 99 6.43 -13.08 3.76
CA ILE A 99 5.19 -12.47 4.23
C ILE A 99 4.87 -13.07 5.58
N ARG A 100 4.72 -12.23 6.58
CA ARG A 100 4.33 -12.74 7.90
C ARG A 100 2.91 -12.30 8.22
N ILE A 101 2.08 -13.23 8.67
CA ILE A 101 0.72 -12.96 9.14
C ILE A 101 0.82 -12.95 10.65
N ILE A 102 0.57 -11.79 11.25
CA ILE A 102 0.71 -11.60 12.70
C ILE A 102 -0.65 -11.43 13.36
N ASN A 103 -0.84 -12.09 14.51
CA ASN A 103 -2.00 -11.91 15.38
C ASN A 103 -1.71 -10.62 16.13
N PRO A 104 -2.41 -9.49 15.88
CA PRO A 104 -2.02 -8.24 16.54
C PRO A 104 -2.25 -8.22 18.04
N ILE A 105 -3.08 -9.13 18.58
CA ILE A 105 -3.37 -9.17 20.01
C ILE A 105 -2.11 -9.60 20.78
N THR A 106 -1.51 -10.69 20.37
CA THR A 106 -0.34 -11.28 21.05
C THR A 106 0.96 -10.99 20.35
N MET A 107 0.89 -10.47 19.10
CA MET A 107 2.00 -10.22 18.18
C MET A 107 2.70 -11.53 17.77
N GLN A 108 1.99 -12.67 17.84
CA GLN A 108 2.56 -13.94 17.37
C GLN A 108 2.50 -14.01 15.87
N CYS A 109 3.53 -14.60 15.24
CA CYS A 109 3.48 -14.88 13.82
C CYS A 109 2.69 -16.18 13.69
N ILE A 110 1.53 -16.12 13.07
CA ILE A 110 0.68 -17.31 12.99
C ILE A 110 1.06 -18.15 11.77
N LYS A 111 1.57 -17.51 10.69
CA LYS A 111 2.05 -18.22 9.51
C LYS A 111 2.85 -17.29 8.63
N HIS A 112 3.62 -17.86 7.67
CA HIS A 112 4.45 -17.08 6.77
C HIS A 112 4.43 -17.70 5.37
N TYR A 113 4.66 -16.86 4.35
CA TYR A 113 4.68 -17.28 2.95
C TYR A 113 5.98 -16.90 2.31
N VAL A 114 6.56 -17.83 1.59
CA VAL A 114 7.80 -17.60 0.86
C VAL A 114 7.48 -17.86 -0.60
N GLY A 115 8.10 -17.12 -1.46
CA GLY A 115 7.92 -17.33 -2.88
C GLY A 115 8.79 -16.42 -3.69
N HIS A 116 8.69 -15.09 -3.42
CA HIS A 116 9.44 -14.05 -4.14
C HIS A 116 10.93 -14.29 -4.08
N GLY A 117 11.59 -14.00 -5.21
CA GLY A 117 13.03 -14.12 -5.41
C GLY A 117 13.81 -13.01 -4.76
N ASN A 118 13.09 -12.00 -4.21
CA ASN A 118 13.76 -10.88 -3.60
C ASN A 118 12.80 -10.18 -2.60
N ALA A 119 13.24 -9.02 -2.11
CA ALA A 119 12.50 -8.21 -1.13
C ALA A 119 11.08 -7.91 -1.60
N ILE A 120 10.17 -7.73 -0.64
CA ILE A 120 8.80 -7.33 -0.91
C ILE A 120 8.67 -5.84 -0.56
N ASN A 121 8.20 -5.03 -1.52
CA ASN A 121 8.07 -3.59 -1.34
C ASN A 121 6.70 -3.14 -0.90
N GLU A 122 5.65 -3.91 -1.21
CA GLU A 122 4.30 -3.51 -0.79
C GLU A 122 3.37 -4.71 -0.67
N LEU A 123 2.46 -4.63 0.30
CA LEU A 123 1.36 -5.56 0.53
C LEU A 123 0.05 -4.81 0.46
N LYS A 124 -0.98 -5.40 -0.16
CA LYS A 124 -2.33 -4.84 -0.24
C LYS A 124 -3.34 -5.94 -0.15
N PHE A 125 -4.42 -5.74 0.65
CA PHE A 125 -5.51 -6.70 0.71
C PHE A 125 -6.63 -6.27 -0.23
N HIS A 126 -7.27 -7.27 -0.86
CA HIS A 126 -8.40 -7.08 -1.79
C HIS A 126 -9.51 -6.28 -1.06
N PRO A 127 -10.15 -5.25 -1.68
CA PRO A 127 -11.13 -4.43 -0.95
C PRO A 127 -12.43 -5.15 -0.58
N ARG A 128 -12.76 -6.29 -1.23
CA ARG A 128 -14.00 -7.02 -0.91
C ARG A 128 -13.76 -8.43 -0.36
N ASP A 129 -12.51 -8.92 -0.40
CA ASP A 129 -12.17 -10.27 0.09
C ASP A 129 -10.98 -10.17 1.00
N PRO A 130 -11.20 -10.38 2.33
CA PRO A 130 -10.11 -10.25 3.30
C PRO A 130 -9.00 -11.29 3.19
N ASN A 131 -9.24 -12.36 2.44
CA ASN A 131 -8.27 -13.44 2.28
C ASN A 131 -7.32 -13.23 1.10
N LEU A 132 -7.60 -12.27 0.18
CA LEU A 132 -6.75 -12.13 -0.99
C LEU A 132 -5.69 -11.03 -0.79
N LEU A 133 -4.43 -11.47 -0.75
CA LEU A 133 -3.30 -10.60 -0.47
C LEU A 133 -2.39 -10.49 -1.66
N LEU A 134 -2.09 -9.26 -2.04
CA LEU A 134 -1.22 -8.94 -3.16
C LEU A 134 0.14 -8.49 -2.64
N SER A 135 1.22 -9.04 -3.20
CA SER A 135 2.58 -8.65 -2.80
C SER A 135 3.31 -8.17 -4.06
N VAL A 136 4.18 -7.15 -3.94
CA VAL A 136 4.97 -6.67 -5.10
C VAL A 136 6.42 -6.80 -4.71
N SER A 137 7.27 -7.23 -5.66
CA SER A 137 8.63 -7.57 -5.29
C SER A 137 9.72 -7.01 -6.20
N LYS A 138 10.94 -7.00 -5.65
CA LYS A 138 12.15 -6.63 -6.37
C LYS A 138 12.48 -7.68 -7.42
N ASP A 139 11.81 -8.86 -7.40
CA ASP A 139 12.08 -9.88 -8.42
C ASP A 139 11.26 -9.59 -9.72
N HIS A 140 10.61 -8.41 -9.82
CA HIS A 140 9.87 -7.91 -11.00
C HIS A 140 8.44 -8.46 -11.12
N ALA A 141 7.97 -9.15 -10.09
CA ALA A 141 6.66 -9.76 -10.15
C ALA A 141 5.75 -9.31 -9.04
N LEU A 142 4.44 -9.51 -9.27
CA LEU A 142 3.37 -9.39 -8.31
C LEU A 142 2.90 -10.78 -8.00
N ARG A 143 2.46 -11.04 -6.78
CA ARG A 143 1.91 -12.35 -6.43
C ARG A 143 0.60 -12.17 -5.72
N LEU A 144 -0.39 -13.00 -6.04
CA LEU A 144 -1.68 -12.98 -5.35
C LEU A 144 -1.81 -14.26 -4.54
N TRP A 145 -2.02 -14.11 -3.22
CA TRP A 145 -2.14 -15.20 -2.26
C TRP A 145 -3.54 -15.31 -1.69
N ASN A 146 -3.95 -16.54 -1.38
CA ASN A 146 -5.21 -16.77 -0.67
C ASN A 146 -4.78 -17.20 0.72
N ILE A 147 -4.91 -16.31 1.72
CA ILE A 147 -4.41 -16.64 3.07
C ILE A 147 -5.42 -17.50 3.88
N GLN A 148 -6.53 -17.91 3.25
CA GLN A 148 -7.49 -18.82 3.88
C GLN A 148 -7.00 -20.27 3.62
N THR A 149 -6.64 -20.57 2.36
CA THR A 149 -6.17 -21.94 2.01
C THR A 149 -4.65 -22.02 1.83
N ASP A 150 -3.91 -20.91 2.10
CA ASP A 150 -2.44 -20.81 2.02
C ASP A 150 -1.94 -21.18 0.62
N THR A 151 -2.60 -20.63 -0.40
CA THR A 151 -2.26 -20.92 -1.78
C THR A 151 -1.74 -19.69 -2.52
N LEU A 152 -0.84 -19.93 -3.49
CA LEU A 152 -0.39 -18.90 -4.40
C LEU A 152 -1.34 -18.99 -5.60
N VAL A 153 -2.25 -18.01 -5.72
CA VAL A 153 -3.27 -17.99 -6.78
C VAL A 153 -2.64 -17.66 -8.14
N ALA A 154 -1.79 -16.64 -8.18
CA ALA A 154 -1.23 -16.17 -9.45
C ALA A 154 0.04 -15.37 -9.25
N ILE A 155 0.89 -15.39 -10.29
CA ILE A 155 2.12 -14.62 -10.43
C ILE A 155 1.92 -13.73 -11.65
N PHE A 156 2.12 -12.40 -11.50
CA PHE A 156 1.98 -11.41 -12.57
C PHE A 156 3.39 -10.98 -12.97
N GLY A 157 3.87 -11.47 -14.11
CA GLY A 157 5.25 -11.21 -14.56
C GLY A 157 5.47 -11.46 -16.05
N GLY A 158 6.55 -12.16 -16.38
CA GLY A 158 6.93 -12.49 -17.76
C GLY A 158 7.62 -11.37 -18.53
N VAL A 159 7.98 -11.62 -19.82
CA VAL A 159 8.66 -10.62 -20.68
C VAL A 159 7.86 -9.33 -20.80
N GLU A 160 6.52 -9.48 -20.88
CA GLU A 160 5.66 -8.32 -21.03
C GLU A 160 5.21 -7.76 -19.68
N GLY A 161 5.64 -8.36 -18.59
CA GLY A 161 5.40 -7.85 -17.25
C GLY A 161 6.46 -6.81 -16.92
N HIS A 162 6.57 -6.39 -15.63
CA HIS A 162 7.62 -5.43 -15.24
C HIS A 162 9.04 -5.95 -15.58
N ARG A 163 9.93 -5.03 -16.00
CA ARG A 163 11.29 -5.37 -16.43
C ARG A 163 12.32 -4.97 -15.36
N ASP A 164 11.83 -4.48 -14.21
CA ASP A 164 12.68 -4.06 -13.11
C ASP A 164 11.85 -4.15 -11.82
N GLU A 165 12.45 -3.84 -10.67
CA GLU A 165 11.85 -3.96 -9.33
C GLU A 165 10.47 -3.29 -9.26
N VAL A 166 9.46 -3.98 -8.70
CA VAL A 166 8.09 -3.41 -8.59
C VAL A 166 8.00 -2.72 -7.25
N LEU A 167 7.52 -1.48 -7.22
CA LEU A 167 7.52 -0.69 -6.00
C LEU A 167 6.17 -0.55 -5.35
N SER A 168 5.09 -0.55 -6.15
CA SER A 168 3.76 -0.33 -5.60
C SER A 168 2.70 -0.97 -6.46
N ALA A 169 1.53 -1.24 -5.87
CA ALA A 169 0.34 -1.72 -6.61
C ALA A 169 -0.91 -1.42 -5.82
N ASP A 170 -2.05 -1.34 -6.51
CA ASP A 170 -3.32 -1.02 -5.86
C ASP A 170 -4.44 -1.67 -6.57
N TYR A 171 -5.44 -2.12 -5.81
CA TYR A 171 -6.67 -2.67 -6.37
C TYR A 171 -7.63 -1.53 -6.66
N ASP A 172 -8.51 -1.67 -7.68
CA ASP A 172 -9.54 -0.66 -7.89
C ASP A 172 -10.64 -0.87 -6.81
N LEU A 173 -11.72 -0.08 -6.86
CA LEU A 173 -12.81 -0.13 -5.88
C LEU A 173 -13.37 -1.55 -5.66
N LEU A 174 -13.71 -2.27 -6.70
CA LEU A 174 -14.32 -3.59 -6.51
C LEU A 174 -13.32 -4.75 -6.48
N GLY A 175 -12.05 -4.46 -6.69
CA GLY A 175 -11.01 -5.49 -6.71
C GLY A 175 -11.10 -6.29 -8.00
N GLU A 176 -11.56 -5.66 -9.09
CA GLU A 176 -11.64 -6.31 -10.41
C GLU A 176 -10.34 -6.15 -11.17
N LYS A 177 -9.51 -5.15 -10.79
CA LYS A 177 -8.24 -4.94 -11.48
C LYS A 177 -7.17 -4.32 -10.57
N ILE A 178 -5.91 -4.48 -10.99
CA ILE A 178 -4.78 -3.99 -10.23
C ILE A 178 -3.97 -3.07 -11.13
N MET A 179 -3.44 -1.98 -10.58
CA MET A 179 -2.45 -1.13 -11.27
C MET A 179 -1.16 -1.27 -10.48
N SER A 180 -0.04 -1.58 -11.15
CA SER A 180 1.25 -1.74 -10.50
C SER A 180 2.25 -0.78 -11.13
N CYS A 181 3.36 -0.49 -10.43
CA CYS A 181 4.36 0.43 -10.98
C CYS A 181 5.73 0.14 -10.40
N GLY A 182 6.79 0.62 -11.06
CA GLY A 182 8.11 0.37 -10.50
C GLY A 182 9.26 1.07 -11.17
N MET A 183 10.45 0.48 -11.01
CA MET A 183 11.73 1.06 -11.49
C MET A 183 11.87 1.07 -13.01
N ASP A 184 11.01 0.36 -13.74
CA ASP A 184 11.09 0.39 -15.21
C ASP A 184 10.30 1.62 -15.75
N HIS A 185 9.86 2.52 -14.84
CA HIS A 185 9.10 3.77 -15.13
C HIS A 185 7.67 3.46 -15.62
N SER A 186 7.24 2.18 -15.58
CA SER A 186 5.93 1.92 -16.15
C SER A 186 4.83 1.73 -15.12
N LEU A 187 3.59 1.91 -15.57
CA LEU A 187 2.37 1.61 -14.83
C LEU A 187 1.65 0.58 -15.65
N LYS A 188 1.34 -0.59 -15.05
CA LYS A 188 0.72 -1.71 -15.76
C LYS A 188 -0.58 -2.14 -15.11
N LEU A 189 -1.59 -2.41 -15.95
CA LEU A 189 -2.91 -2.84 -15.49
C LEU A 189 -3.04 -4.34 -15.62
N TRP A 190 -3.60 -5.00 -14.59
CA TRP A 190 -3.83 -6.44 -14.59
C TRP A 190 -5.24 -6.70 -14.18
N ARG A 191 -6.08 -7.19 -15.10
CA ARG A 191 -7.48 -7.49 -14.78
C ARG A 191 -7.56 -8.82 -14.05
N ILE A 192 -8.24 -8.86 -12.91
CA ILE A 192 -8.38 -10.11 -12.16
C ILE A 192 -9.86 -10.59 -12.15
N ASN A 193 -10.71 -9.99 -13.00
CA ASN A 193 -12.11 -10.40 -13.18
C ASN A 193 -12.24 -11.16 -14.52
N SER A 194 -11.12 -11.58 -15.12
CA SER A 194 -11.15 -12.40 -16.34
C SER A 194 -11.74 -13.76 -15.97
N LYS A 195 -12.25 -14.54 -16.95
CA LYS A 195 -12.76 -15.89 -16.65
C LYS A 195 -11.64 -16.73 -16.01
N ARG A 196 -10.42 -16.64 -16.54
CA ARG A 196 -9.26 -17.38 -16.02
C ARG A 196 -8.94 -17.04 -14.54
N MET A 197 -8.93 -15.74 -14.19
CA MET A 197 -8.60 -15.32 -12.81
C MET A 197 -9.76 -15.57 -11.85
N MET A 198 -11.03 -15.40 -12.28
CA MET A 198 -12.15 -15.73 -11.38
C MET A 198 -12.17 -17.22 -11.07
N ASN A 199 -11.82 -18.05 -12.07
CA ASN A 199 -11.76 -19.51 -11.89
C ASN A 199 -10.60 -19.88 -10.97
N ALA A 200 -9.42 -19.26 -11.15
CA ALA A 200 -8.24 -19.53 -10.31
C ALA A 200 -8.53 -19.22 -8.84
N ILE A 201 -9.22 -18.08 -8.57
CA ILE A 201 -9.59 -17.69 -7.21
C ILE A 201 -10.58 -18.72 -6.61
N LYS A 202 -11.59 -19.14 -7.39
CA LYS A 202 -12.57 -20.16 -6.95
C LYS A 202 -11.85 -21.47 -6.63
N GLU A 203 -10.95 -21.91 -7.52
CA GLU A 203 -10.16 -23.12 -7.27
C GLU A 203 -9.27 -22.99 -6.04
N SER A 204 -8.70 -21.80 -5.75
CA SER A 204 -7.85 -21.62 -4.55
C SER A 204 -8.65 -21.84 -3.29
N TYR A 205 -9.93 -21.52 -3.32
CA TYR A 205 -10.80 -21.72 -2.16
C TYR A 205 -11.18 -23.19 -2.01
N ASP A 206 -11.25 -23.92 -3.13
CA ASP A 206 -11.60 -25.35 -3.13
C ASP A 206 -10.42 -26.24 -2.82
N TYR A 207 -9.22 -25.65 -2.66
CA TYR A 207 -8.01 -26.43 -2.43
C TYR A 207 -7.78 -26.74 -0.97
N ASN A 208 -7.61 -28.03 -0.69
CA ASN A 208 -7.28 -28.54 0.63
C ASN A 208 -6.25 -29.63 0.39
N PRO A 209 -4.95 -29.40 0.71
CA PRO A 209 -3.92 -30.40 0.39
C PRO A 209 -4.10 -31.72 1.13
N ASN A 210 -4.85 -31.69 2.25
CA ASN A 210 -5.13 -32.92 3.01
C ASN A 210 -6.16 -33.79 2.29
N LYS A 211 -6.97 -33.19 1.38
CA LYS A 211 -8.03 -33.95 0.69
C LYS A 211 -7.73 -34.26 -0.78
N THR A 212 -6.50 -34.02 -1.25
CA THR A 212 -6.13 -34.25 -2.66
C THR A 212 -4.67 -34.64 -2.81
N ASN A 213 -4.28 -35.01 -4.02
CA ASN A 213 -2.89 -35.37 -4.36
C ASN A 213 -2.20 -34.30 -5.18
N ARG A 214 -2.97 -33.46 -5.86
CA ARG A 214 -2.43 -32.43 -6.73
C ARG A 214 -1.80 -31.29 -5.94
N PRO A 215 -0.73 -30.66 -6.49
CA PRO A 215 -0.28 -29.38 -5.90
C PRO A 215 -1.26 -28.31 -6.39
N PHE A 216 -1.33 -27.17 -5.71
CA PHE A 216 -2.20 -26.13 -6.24
C PHE A 216 -1.47 -25.46 -7.40
N ILE A 217 -2.09 -25.41 -8.59
CA ILE A 217 -1.41 -24.80 -9.76
C ILE A 217 -1.67 -23.27 -9.78
N SER A 218 -0.58 -22.49 -9.67
CA SER A 218 -0.65 -21.01 -9.74
C SER A 218 -0.76 -20.52 -11.18
N GLN A 219 -1.57 -19.47 -11.45
CA GLN A 219 -1.60 -18.90 -12.80
C GLN A 219 -0.31 -18.10 -13.07
N LYS A 220 0.20 -18.18 -14.31
CA LYS A 220 1.33 -17.37 -14.77
C LYS A 220 0.73 -16.36 -15.69
N ILE A 221 0.55 -15.12 -15.21
CA ILE A 221 -0.04 -14.06 -16.02
C ILE A 221 1.10 -13.25 -16.58
N HIS A 222 1.36 -13.39 -17.90
CA HIS A 222 2.52 -12.78 -18.52
C HIS A 222 2.23 -11.56 -19.35
N PHE A 223 0.96 -11.18 -19.48
CA PHE A 223 0.57 -10.03 -20.28
C PHE A 223 -0.34 -9.11 -19.52
N PRO A 224 0.08 -7.84 -19.29
CA PRO A 224 -0.81 -6.87 -18.66
C PRO A 224 -1.87 -6.44 -19.67
N ASP A 225 -2.99 -5.93 -19.16
CA ASP A 225 -4.12 -5.47 -19.96
C ASP A 225 -3.93 -4.03 -20.44
N PHE A 226 -2.88 -3.35 -19.95
CA PHE A 226 -2.52 -1.99 -20.32
C PHE A 226 -1.15 -1.68 -19.76
N SER A 227 -0.37 -0.85 -20.48
CA SER A 227 0.94 -0.43 -19.99
C SER A 227 1.30 0.93 -20.55
N THR A 228 1.90 1.78 -19.70
CA THR A 228 2.37 3.11 -20.11
C THR A 228 3.67 3.45 -19.38
N ARG A 229 4.54 4.17 -20.08
CA ARG A 229 5.76 4.74 -19.53
C ARG A 229 5.72 6.24 -19.78
N ASP A 230 4.54 6.79 -20.11
CA ASP A 230 4.38 8.18 -20.53
C ASP A 230 3.98 9.14 -19.42
N ILE A 231 3.85 8.67 -18.17
CA ILE A 231 3.40 9.57 -17.09
C ILE A 231 4.59 10.20 -16.38
N HIS A 232 5.56 9.39 -15.98
CA HIS A 232 6.74 9.85 -15.22
C HIS A 232 8.02 9.55 -16.00
N ARG A 233 9.15 10.17 -15.60
CA ARG A 233 10.44 9.94 -16.28
C ARG A 233 11.46 9.35 -15.32
N ASN A 234 11.00 8.66 -14.25
CA ASN A 234 11.91 8.05 -13.26
C ASN A 234 11.14 6.93 -12.52
N TYR A 235 11.73 6.33 -11.45
CA TYR A 235 11.09 5.24 -10.69
C TYR A 235 9.68 5.66 -10.23
N VAL A 236 8.67 4.83 -10.53
CA VAL A 236 7.30 5.13 -10.09
C VAL A 236 7.14 4.40 -8.77
N ASP A 237 7.10 5.13 -7.65
CA ASP A 237 7.15 4.43 -6.34
C ASP A 237 5.83 4.40 -5.55
N CYS A 238 4.73 4.90 -6.11
CA CYS A 238 3.44 4.87 -5.39
C CYS A 238 2.30 5.04 -6.39
N VAL A 239 1.28 4.17 -6.28
CA VAL A 239 0.11 4.23 -7.17
C VAL A 239 -1.14 3.92 -6.35
N ARG A 240 -2.25 4.63 -6.65
CA ARG A 240 -3.56 4.39 -6.01
CA ARG A 240 -3.56 4.45 -6.00
C ARG A 240 -4.66 4.72 -7.00
N TRP A 241 -5.74 3.94 -6.97
CA TRP A 241 -6.89 4.19 -7.80
C TRP A 241 -7.70 5.31 -7.13
N LEU A 242 -8.30 6.18 -7.95
CA LEU A 242 -9.24 7.21 -7.50
C LEU A 242 -10.45 7.02 -8.39
N GLY A 243 -11.31 6.06 -8.04
CA GLY A 243 -12.41 5.63 -8.90
C GLY A 243 -11.82 4.95 -10.13
N ASP A 244 -12.17 5.41 -11.34
CA ASP A 244 -11.64 4.88 -12.61
C ASP A 244 -10.33 5.59 -13.01
N LEU A 245 -9.91 6.59 -12.23
CA LEU A 245 -8.69 7.39 -12.45
C LEU A 245 -7.51 6.83 -11.63
N ILE A 246 -6.29 7.21 -12.01
CA ILE A 246 -5.09 6.78 -11.29
C ILE A 246 -4.38 7.96 -10.71
N LEU A 247 -3.83 7.78 -9.50
CA LEU A 247 -2.90 8.72 -8.85
C LEU A 247 -1.57 8.02 -8.77
N SER A 248 -0.50 8.63 -9.31
CA SER A 248 0.82 8.01 -9.21
C SER A 248 1.90 9.08 -9.09
N LYS A 249 3.01 8.71 -8.47
CA LYS A 249 4.13 9.64 -8.31
C LYS A 249 5.46 8.97 -8.60
N SER A 250 6.42 9.80 -8.94
CA SER A 250 7.81 9.42 -9.11
C SER A 250 8.59 10.31 -8.10
N CYS A 251 9.87 10.59 -8.35
CA CYS A 251 10.66 11.45 -7.46
C CYS A 251 10.83 12.82 -8.14
N GLU A 252 9.81 13.26 -8.89
CA GLU A 252 9.84 14.51 -9.65
C GLU A 252 8.96 15.60 -9.00
N ASN A 253 8.71 15.51 -7.67
CA ASN A 253 7.93 16.51 -6.93
C ASN A 253 6.51 16.69 -7.49
N ALA A 254 5.88 15.59 -7.89
CA ALA A 254 4.54 15.63 -8.44
C ALA A 254 3.78 14.32 -8.31
N ILE A 255 2.49 14.44 -8.00
CA ILE A 255 1.49 13.35 -8.07
C ILE A 255 0.67 13.65 -9.31
N VAL A 256 0.66 12.73 -10.27
CA VAL A 256 -0.09 12.92 -11.52
C VAL A 256 -1.41 12.17 -11.42
N CYS A 257 -2.51 12.83 -11.81
CA CYS A 257 -3.82 12.19 -11.90
C CYS A 257 -4.10 11.92 -13.37
N TRP A 258 -4.26 10.65 -13.74
CA TRP A 258 -4.39 10.29 -15.15
C TRP A 258 -5.30 9.08 -15.38
N LYS A 259 -5.54 8.77 -16.65
CA LYS A 259 -6.30 7.58 -17.01
C LYS A 259 -5.79 7.00 -18.31
N PRO A 260 -5.93 5.67 -18.49
CA PRO A 260 -5.59 5.07 -19.78
C PRO A 260 -6.56 5.54 -20.87
N GLY A 261 -6.07 5.62 -22.10
CA GLY A 261 -6.86 6.04 -23.25
C GLY A 261 -7.13 7.52 -23.33
N LYS A 262 -8.09 7.89 -24.19
CA LYS A 262 -8.52 9.27 -24.37
C LYS A 262 -9.51 9.65 -23.28
N MET A 263 -9.83 10.95 -23.20
CA MET A 263 -10.71 11.53 -22.19
C MET A 263 -12.00 10.73 -21.96
N GLU A 264 -12.71 10.34 -23.03
CA GLU A 264 -14.01 9.70 -22.94
C GLU A 264 -13.96 8.16 -22.99
N ASP A 265 -12.75 7.55 -23.01
CA ASP A 265 -12.62 6.10 -23.05
C ASP A 265 -12.90 5.47 -21.70
N ASP A 266 -13.83 4.50 -21.67
CA ASP A 266 -14.13 3.76 -20.45
C ASP A 266 -12.97 2.82 -20.14
N ILE A 267 -12.57 2.74 -18.86
CA ILE A 267 -11.47 1.89 -18.40
C ILE A 267 -11.68 0.42 -18.76
N ASP A 268 -12.93 -0.06 -18.79
CA ASP A 268 -13.19 -1.47 -19.07
C ASP A 268 -13.29 -1.77 -20.57
N LYS A 269 -13.16 -0.76 -21.43
CA LYS A 269 -13.12 -0.93 -22.88
C LYS A 269 -11.67 -0.86 -23.38
N ILE A 270 -10.73 -0.43 -22.51
CA ILE A 270 -9.30 -0.27 -22.84
C ILE A 270 -8.73 -1.64 -23.28
N LYS A 271 -8.06 -1.66 -24.42
CA LYS A 271 -7.43 -2.85 -24.99
C LYS A 271 -5.92 -2.87 -24.62
N PRO A 272 -5.25 -4.04 -24.55
CA PRO A 272 -3.82 -4.05 -24.20
C PRO A 272 -2.92 -3.24 -25.12
N SER A 273 -3.33 -3.00 -26.38
CA SER A 273 -2.52 -2.23 -27.33
C SER A 273 -2.69 -0.72 -27.17
N GLU A 274 -3.64 -0.24 -26.30
CA GLU A 274 -3.89 1.20 -26.06
C GLU A 274 -2.58 1.97 -25.87
N SER A 275 -2.33 2.98 -26.72
CA SER A 275 -1.10 3.74 -26.68
C SER A 275 -1.27 5.15 -26.09
N ASN A 276 -2.50 5.56 -25.77
CA ASN A 276 -2.71 6.90 -25.21
C ASN A 276 -3.05 6.89 -23.73
N VAL A 277 -2.81 8.03 -23.10
CA VAL A 277 -3.14 8.35 -21.70
C VAL A 277 -3.67 9.76 -21.71
N THR A 278 -4.48 10.12 -20.70
CA THR A 278 -5.03 11.47 -20.53
C THR A 278 -4.63 11.95 -19.17
N ILE A 279 -4.01 13.13 -19.08
CA ILE A 279 -3.62 13.70 -17.78
C ILE A 279 -4.72 14.66 -17.32
N LEU A 280 -5.34 14.37 -16.17
CA LEU A 280 -6.44 15.16 -15.63
C LEU A 280 -6.00 16.22 -14.64
N GLY A 281 -4.75 16.14 -14.21
CA GLY A 281 -4.23 17.12 -13.27
C GLY A 281 -2.88 16.67 -12.72
N ARG A 282 -2.23 17.56 -11.99
CA ARG A 282 -0.95 17.24 -11.35
C ARG A 282 -0.80 18.07 -10.10
N PHE A 283 -0.52 17.41 -8.97
CA PHE A 283 -0.37 18.08 -7.68
C PHE A 283 1.10 18.21 -7.38
N ASP A 284 1.64 19.42 -7.53
CA ASP A 284 3.07 19.64 -7.31
C ASP A 284 3.33 19.96 -5.85
N TYR A 285 4.57 19.75 -5.44
CA TYR A 285 5.00 20.01 -4.07
C TYR A 285 6.52 20.22 -4.11
N SER A 286 7.16 20.37 -2.97
CA SER A 286 8.59 20.65 -2.94
C SER A 286 9.37 19.65 -2.11
N GLN A 287 10.69 19.56 -2.38
CA GLN A 287 11.68 18.79 -1.64
C GLN A 287 11.23 17.34 -1.33
N CYS A 288 10.80 16.62 -2.36
CA CYS A 288 10.38 15.21 -2.22
C CYS A 288 10.87 14.53 -3.48
N ASP A 289 12.20 14.64 -3.73
CA ASP A 289 12.78 14.12 -4.96
C ASP A 289 13.76 12.97 -4.68
N ILE A 290 13.53 12.23 -3.59
CA ILE A 290 14.27 11.03 -3.22
C ILE A 290 13.33 9.84 -3.47
N TRP A 291 13.90 8.66 -3.81
CA TRP A 291 13.12 7.45 -4.01
C TRP A 291 12.54 6.96 -2.69
N TYR A 292 11.39 6.26 -2.74
CA TYR A 292 10.71 5.63 -1.60
C TYR A 292 10.01 6.62 -0.67
N MET A 293 8.93 7.26 -1.18
CA MET A 293 8.10 8.20 -0.42
C MET A 293 6.68 7.88 -0.83
N ARG A 294 5.80 7.54 0.13
CA ARG A 294 4.44 7.14 -0.24
CA ARG A 294 4.42 7.12 -0.19
C ARG A 294 3.39 8.18 0.10
N PHE A 295 2.35 8.26 -0.74
CA PHE A 295 1.20 9.14 -0.46
C PHE A 295 0.07 8.19 -0.01
N SER A 296 -0.94 8.73 0.68
CA SER A 296 -2.07 7.92 1.16
CA SER A 296 -2.06 7.91 1.14
C SER A 296 -3.36 8.69 1.02
N THR A 297 -4.48 7.98 0.91
CA THR A 297 -5.79 8.60 0.89
C THR A 297 -6.52 8.10 2.13
N ASP A 298 -7.60 8.79 2.52
CA ASP A 298 -8.39 8.31 3.66
C ASP A 298 -9.38 7.26 3.11
N PHE A 299 -10.19 6.69 4.00
CA PHE A 299 -11.11 5.62 3.63
C PHE A 299 -12.09 6.06 2.53
N TRP A 300 -12.70 7.23 2.69
CA TRP A 300 -13.70 7.72 1.72
C TRP A 300 -13.09 8.33 0.46
N GLN A 301 -11.77 8.56 0.46
CA GLN A 301 -11.04 9.19 -0.67
C GLN A 301 -11.46 10.64 -0.85
N LYS A 302 -11.71 11.30 0.28
CA LYS A 302 -11.99 12.73 0.32
C LYS A 302 -10.67 13.48 0.41
N MET A 303 -9.59 12.81 0.91
CA MET A 303 -8.31 13.48 1.14
C MET A 303 -7.14 12.65 0.70
N LEU A 304 -6.03 13.34 0.38
CA LEU A 304 -4.77 12.78 -0.07
C LEU A 304 -3.64 13.40 0.75
N ALA A 305 -2.68 12.59 1.24
CA ALA A 305 -1.59 13.15 2.03
C ALA A 305 -0.25 12.62 1.59
N LEU A 306 0.77 13.47 1.64
CA LEU A 306 2.17 13.10 1.34
C LEU A 306 3.10 13.94 2.16
N GLY A 307 4.13 13.33 2.71
CA GLY A 307 5.17 14.03 3.44
C GLY A 307 6.38 14.21 2.53
N ASN A 308 7.23 15.20 2.83
CA ASN A 308 8.39 15.44 2.00
C ASN A 308 9.69 15.11 2.77
N GLN A 309 10.87 15.30 2.13
CA GLN A 309 12.13 14.86 2.73
C GLN A 309 12.67 15.79 3.86
N VAL A 310 11.98 16.89 4.18
CA VAL A 310 12.37 17.81 5.24
C VAL A 310 11.25 17.98 6.31
N GLY A 311 10.33 17.03 6.37
CA GLY A 311 9.30 16.99 7.40
C GLY A 311 8.05 17.82 7.22
N LYS A 312 7.78 18.28 6.01
CA LYS A 312 6.56 19.02 5.74
C LYS A 312 5.47 18.04 5.23
N LEU A 313 4.21 18.25 5.65
CA LEU A 313 3.08 17.45 5.17
C LEU A 313 2.20 18.24 4.21
N TYR A 314 1.84 17.62 3.09
CA TYR A 314 0.89 18.19 2.15
C TYR A 314 -0.41 17.39 2.23
N VAL A 315 -1.56 18.07 2.32
CA VAL A 315 -2.87 17.43 2.37
C VAL A 315 -3.73 18.05 1.29
N TRP A 316 -4.31 17.23 0.38
CA TRP A 316 -5.19 17.75 -0.67
C TRP A 316 -6.60 17.29 -0.42
N ASP A 317 -7.55 18.23 -0.49
CA ASP A 317 -8.98 18.01 -0.40
C ASP A 317 -9.46 17.61 -1.80
N LEU A 318 -9.89 16.35 -1.98
CA LEU A 318 -10.33 15.82 -3.28
C LEU A 318 -11.85 15.97 -3.51
N GLU A 319 -12.56 16.59 -2.54
CA GLU A 319 -14.02 16.81 -2.60
C GLU A 319 -14.32 18.01 -3.48
N VAL A 320 -13.96 17.91 -4.76
CA VAL A 320 -14.12 18.98 -5.76
C VAL A 320 -14.63 18.36 -7.05
N GLU A 321 -15.19 19.13 -7.98
CA GLU A 321 -15.81 18.59 -9.21
C GLU A 321 -14.84 17.85 -10.14
N ASP A 322 -13.58 18.31 -10.26
CA ASP A 322 -12.60 17.70 -11.14
C ASP A 322 -11.28 17.55 -10.40
N PRO A 323 -10.43 16.57 -10.73
CA PRO A 323 -9.18 16.38 -9.96
C PRO A 323 -8.25 17.59 -9.90
N HIS A 324 -8.12 18.36 -11.00
CA HIS A 324 -7.19 19.51 -11.03
C HIS A 324 -7.64 20.65 -10.08
N LYS A 325 -8.88 20.59 -9.55
CA LYS A 325 -9.38 21.63 -8.64
C LYS A 325 -9.08 21.30 -7.15
N ALA A 326 -8.33 20.22 -6.86
CA ALA A 326 -8.02 19.83 -5.47
C ALA A 326 -7.40 20.98 -4.68
N LYS A 327 -7.78 21.13 -3.42
CA LYS A 327 -7.32 22.22 -2.54
C LYS A 327 -6.26 21.72 -1.57
N CYS A 328 -5.13 22.38 -1.57
CA CYS A 328 -3.99 21.98 -0.76
C CYS A 328 -3.85 22.74 0.57
N THR A 329 -3.52 22.00 1.62
CA THR A 329 -3.24 22.47 2.98
C THR A 329 -1.85 21.96 3.31
N THR A 330 -1.01 22.78 3.96
CA THR A 330 0.33 22.31 4.36
C THR A 330 0.42 22.30 5.87
N LEU A 331 1.10 21.28 6.41
CA LEU A 331 1.26 21.12 7.86
C LEU A 331 2.74 21.01 8.20
N THR A 332 3.23 21.92 9.06
CA THR A 332 4.63 21.96 9.49
C THR A 332 4.70 22.08 11.01
N HIS A 333 5.81 21.63 11.57
CA HIS A 333 6.14 21.71 13.01
C HIS A 333 7.61 21.98 13.08
N HIS A 334 8.03 22.95 13.90
CA HIS A 334 9.45 23.34 13.97
C HIS A 334 10.39 22.20 14.42
N LYS A 335 9.86 21.15 15.07
CA LYS A 335 10.66 20.02 15.53
C LYS A 335 10.60 18.81 14.57
N CYS A 336 9.73 18.88 13.54
CA CYS A 336 9.61 17.77 12.57
C CYS A 336 10.45 18.11 11.32
N GLY A 337 11.67 17.60 11.25
CA GLY A 337 12.56 17.90 10.14
C GLY A 337 13.13 16.73 9.36
N ALA A 338 12.73 15.49 9.70
CA ALA A 338 13.21 14.30 8.98
C ALA A 338 12.21 13.91 7.87
N ALA A 339 12.70 13.15 6.88
CA ALA A 339 11.90 12.71 5.73
C ALA A 339 10.67 11.91 6.18
N ILE A 340 9.47 12.27 5.70
CA ILE A 340 8.24 11.53 6.05
C ILE A 340 8.05 10.48 4.97
N ARG A 341 8.26 9.20 5.31
CA ARG A 341 8.18 8.09 4.33
C ARG A 341 6.75 7.68 3.97
N GLN A 342 5.83 7.71 4.94
CA GLN A 342 4.42 7.35 4.77
C GLN A 342 3.57 8.02 5.83
N THR A 343 2.30 8.20 5.49
CA THR A 343 1.26 8.76 6.31
C THR A 343 0.10 7.79 6.32
N SER A 344 -0.76 7.94 7.30
CA SER A 344 -1.97 7.14 7.41
C SER A 344 -3.05 7.93 8.10
N PHE A 345 -4.25 7.94 7.52
CA PHE A 345 -5.45 8.52 8.12
C PHE A 345 -6.22 7.46 8.87
N SER A 346 -6.85 7.83 9.99
CA SER A 346 -7.80 6.95 10.68
C SER A 346 -9.02 6.81 9.76
N ARG A 347 -9.83 5.76 9.93
CA ARG A 347 -10.99 5.50 9.07
C ARG A 347 -11.92 6.72 8.90
N ASP A 348 -12.12 7.50 9.97
CA ASP A 348 -12.98 8.70 10.02
C ASP A 348 -12.23 9.98 9.63
N SER A 349 -10.92 9.88 9.31
CA SER A 349 -9.99 10.97 8.98
C SER A 349 -9.84 11.99 10.14
N SER A 350 -10.17 11.59 11.37
CA SER A 350 -10.01 12.51 12.50
C SER A 350 -8.54 12.59 12.92
N ILE A 351 -7.73 11.57 12.55
CA ILE A 351 -6.30 11.55 12.90
C ILE A 351 -5.47 11.22 11.66
N LEU A 352 -4.34 11.92 11.53
CA LEU A 352 -3.35 11.68 10.50
C LEU A 352 -2.00 11.41 11.19
N ILE A 353 -1.39 10.25 10.94
CA ILE A 353 -0.08 9.91 11.47
C ILE A 353 0.97 9.98 10.36
N ALA A 354 2.15 10.57 10.66
CA ALA A 354 3.31 10.66 9.76
C ALA A 354 4.50 9.94 10.41
N VAL A 355 5.25 9.13 9.66
CA VAL A 355 6.42 8.40 10.22
C VAL A 355 7.65 8.79 9.41
N CYS A 356 8.82 8.90 10.09
CA CYS A 356 10.03 9.54 9.59
C CYS A 356 11.30 8.69 9.63
N ASP A 357 12.32 9.18 8.89
CA ASP A 357 13.67 8.60 8.76
C ASP A 357 14.42 8.54 10.09
N ASP A 358 14.04 9.36 11.07
CA ASP A 358 14.73 9.39 12.37
C ASP A 358 13.97 8.55 13.42
N ALA A 359 13.05 7.68 12.94
CA ALA A 359 12.21 6.78 13.75
C ALA A 359 11.12 7.53 14.54
N SER A 360 10.80 8.78 14.13
CA SER A 360 9.78 9.55 14.83
C SER A 360 8.38 9.37 14.20
N ILE A 361 7.36 9.57 15.05
CA ILE A 361 5.93 9.42 14.78
C ILE A 361 5.27 10.72 15.14
N TRP A 362 4.46 11.28 14.24
CA TRP A 362 3.80 12.57 14.41
C TRP A 362 2.32 12.41 14.28
N ARG A 363 1.58 12.91 15.29
CA ARG A 363 0.14 12.79 15.31
C ARG A 363 -0.52 14.15 15.11
N TRP A 364 -1.40 14.20 14.11
CA TRP A 364 -2.16 15.38 13.72
C TRP A 364 -3.64 15.06 13.87
N ASP A 365 -4.38 15.85 14.67
CA ASP A 365 -5.80 15.63 14.92
C ASP A 365 -6.60 16.71 14.23
N ARG A 366 -7.73 16.32 13.62
CA ARG A 366 -8.60 17.24 12.89
C ARG A 366 -9.47 18.06 13.85
#